data_6ID6
#
_entry.id   6ID6
#
_cell.length_a   133.680
_cell.length_b   133.680
_cell.length_c   40.170
_cell.angle_alpha   90.000
_cell.angle_beta   90.000
_cell.angle_gamma   90.000
#
_symmetry.space_group_name_H-M   'I 4'
#
loop_
_entity.id
_entity.type
_entity.pdbx_description
1 polymer 'Putative S-adenosyl-L-methionine-dependent methyltransferase Rv0731c'
2 non-polymer 'TRIETHYLENE GLYCOL'
3 non-polymer 'MAGNESIUM ION'
4 water water
#
_entity_poly.entity_id   1
_entity_poly.type   'polypeptide(L)'
_entity_poly.pdbx_seq_one_letter_code
;GDSWDLASSVGLTATMVAAARAVAGRAPGALVNDQFAEPLVRAVGVDFFVRMASGELDPDELAEDEANGLRRFADAMAIR
THYFDNFFLDATRAGIRQAVILASGLDSRAYRLRWPAGTIVFEVDQPQVIDFKTTTLAGLGAAPTTDRRTVAVDLRDDWP
TALQKAGFDNAQRTAWIAEGLLGYLSAEAQDRLLDQITAQSVPGSQFATEVLRDINRLNEEELRGRMRRLAERFRRHGLD
LDMSGLVYFGDRTDARTYLADHGWRTASASTTDLLAEHGLPPIDGDDAPFGEVIYVSAELKA
;
_entity_poly.pdbx_strand_id   A
#
# COMPACT_ATOMS: atom_id res chain seq x y z
N GLY A 1 -4.35 -19.92 14.12
CA GLY A 1 -5.41 -20.91 14.54
C GLY A 1 -6.03 -20.54 15.87
N ASP A 2 -5.33 -19.75 16.68
CA ASP A 2 -5.79 -19.49 18.06
C ASP A 2 -6.69 -18.23 18.16
N SER A 3 -6.99 -17.59 17.02
CA SER A 3 -7.99 -16.50 16.96
CA SER A 3 -7.96 -16.47 16.93
C SER A 3 -8.95 -16.76 15.78
N TRP A 4 -10.14 -16.19 15.85
CA TRP A 4 -11.19 -16.45 14.83
C TRP A 4 -11.77 -15.16 14.29
N ASP A 5 -11.45 -14.02 14.90
CA ASP A 5 -12.25 -12.78 14.68
C ASP A 5 -11.69 -12.02 13.47
N LEU A 6 -12.48 -11.16 12.87
CA LEU A 6 -12.08 -10.42 11.64
C LEU A 6 -10.75 -9.71 11.85
N ALA A 7 -10.59 -8.95 12.94
CA ALA A 7 -9.38 -8.09 13.12
C ALA A 7 -8.11 -8.93 13.12
N SER A 8 -8.19 -10.20 13.55
CA SER A 8 -6.99 -11.08 13.63
CA SER A 8 -7.05 -11.17 13.62
C SER A 8 -6.51 -11.52 12.23
N SER A 9 -7.28 -11.31 11.17
CA SER A 9 -6.91 -11.65 9.79
C SER A 9 -6.06 -10.55 9.17
N VAL A 10 -6.10 -9.36 9.76
CA VAL A 10 -5.41 -8.18 9.16
C VAL A 10 -3.92 -8.36 9.39
N GLY A 11 -3.13 -8.27 8.34
CA GLY A 11 -1.68 -8.47 8.43
C GLY A 11 -1.02 -7.40 9.28
N LEU A 12 0.05 -7.75 9.96
CA LEU A 12 0.82 -6.76 10.76
C LEU A 12 1.31 -5.66 9.83
N THR A 13 1.75 -5.97 8.61
CA THR A 13 2.34 -4.94 7.72
C THR A 13 1.27 -3.93 7.35
N ALA A 14 0.05 -4.36 7.02
CA ALA A 14 -1.06 -3.44 6.73
C ALA A 14 -1.31 -2.54 7.93
N THR A 15 -1.30 -3.10 9.12
CA THR A 15 -1.58 -2.33 10.35
C THR A 15 -0.45 -1.33 10.57
N MET A 16 0.80 -1.77 10.40
CA MET A 16 2.01 -0.92 10.58
C MET A 16 1.96 0.29 9.64
N VAL A 17 1.68 0.08 8.37
CA VAL A 17 1.70 1.22 7.40
CA VAL A 17 1.66 1.18 7.37
C VAL A 17 0.52 2.14 7.72
N ALA A 18 -0.62 1.62 8.14
CA ALA A 18 -1.74 2.49 8.56
C ALA A 18 -1.34 3.31 9.76
N ALA A 19 -0.64 2.74 10.73
CA ALA A 19 -0.27 3.48 11.94
C ALA A 19 0.65 4.64 11.52
N ALA A 20 1.54 4.35 10.58
CA ALA A 20 2.46 5.38 10.05
C ALA A 20 1.71 6.49 9.30
N ARG A 21 0.68 6.17 8.53
CA ARG A 21 -0.21 7.19 7.91
C ARG A 21 -0.86 8.04 8.99
N ALA A 22 -1.27 7.43 10.12
CA ALA A 22 -1.91 8.20 11.19
C ALA A 22 -0.90 9.19 11.73
N VAL A 23 0.30 8.73 12.00
CA VAL A 23 1.37 9.64 12.51
C VAL A 23 1.60 10.76 11.47
N ALA A 24 1.78 10.39 10.21
CA ALA A 24 2.11 11.37 9.14
C ALA A 24 1.04 12.44 9.09
N GLY A 25 -0.23 12.04 9.27
CA GLY A 25 -1.35 12.97 9.10
C GLY A 25 -1.37 14.09 10.12
N ARG A 26 -0.69 13.93 11.26
CA ARG A 26 -0.66 15.00 12.28
C ARG A 26 0.48 15.96 12.07
N ALA A 27 1.42 15.70 11.16
CA ALA A 27 2.57 16.60 10.95
C ALA A 27 2.08 17.95 10.49
N PRO A 28 2.56 19.08 11.06
CA PRO A 28 2.25 20.39 10.47
C PRO A 28 2.73 20.41 9.04
N GLY A 29 1.85 20.82 8.15
CA GLY A 29 2.10 20.85 6.68
C GLY A 29 2.01 19.49 6.04
N ALA A 30 1.44 18.49 6.72
CA ALA A 30 1.28 17.13 6.14
C ALA A 30 0.77 17.20 4.71
N LEU A 31 1.33 16.34 3.85
CA LEU A 31 0.81 16.23 2.48
C LEU A 31 -0.60 15.69 2.53
N VAL A 32 -0.87 14.73 3.42
CA VAL A 32 -2.18 14.05 3.49
C VAL A 32 -2.45 13.62 4.93
N ASN A 33 -3.70 13.74 5.35
CA ASN A 33 -4.15 13.16 6.62
C ASN A 33 -5.23 12.11 6.32
N ASP A 34 -4.87 10.85 6.31
CA ASP A 34 -5.84 9.73 6.22
C ASP A 34 -6.56 9.68 7.58
N GLN A 35 -7.71 10.34 7.67
CA GLN A 35 -8.42 10.50 8.95
C GLN A 35 -8.98 9.16 9.41
N PHE A 36 -8.97 8.13 8.58
CA PHE A 36 -9.50 6.79 8.98
C PHE A 36 -8.40 5.84 9.47
N ALA A 37 -7.12 6.19 9.32
CA ALA A 37 -5.99 5.32 9.69
C ALA A 37 -6.04 5.03 11.18
N GLU A 38 -6.11 6.08 11.99
CA GLU A 38 -6.08 5.90 13.46
C GLU A 38 -7.26 5.04 13.91
N PRO A 39 -8.53 5.33 13.55
CA PRO A 39 -9.62 4.51 14.03
C PRO A 39 -9.56 3.07 13.50
N LEU A 40 -9.09 2.84 12.28
CA LEU A 40 -8.91 1.46 11.78
C LEU A 40 -7.85 0.72 12.60
N VAL A 41 -6.73 1.37 12.87
CA VAL A 41 -5.66 0.72 13.68
C VAL A 41 -6.21 0.40 15.05
N ARG A 42 -6.98 1.32 15.64
CA ARG A 42 -7.55 1.10 16.97
C ARG A 42 -8.42 -0.15 16.93
N ALA A 43 -9.25 -0.30 15.90
CA ALA A 43 -10.14 -1.45 15.73
C ALA A 43 -9.35 -2.74 15.56
N VAL A 44 -8.20 -2.69 14.89
CA VAL A 44 -7.37 -3.92 14.72
C VAL A 44 -7.00 -4.40 16.12
N GLY A 45 -6.57 -3.50 16.98
CA GLY A 45 -6.35 -3.81 18.41
C GLY A 45 -5.04 -4.50 18.69
N VAL A 46 -4.04 -4.36 17.83
CA VAL A 46 -2.64 -4.70 18.20
C VAL A 46 -2.11 -3.50 18.98
N ASP A 47 -1.90 -3.70 20.28
CA ASP A 47 -1.61 -2.58 21.20
C ASP A 47 -0.46 -1.66 20.69
N PHE A 48 0.65 -2.21 20.24
CA PHE A 48 1.83 -1.42 19.85
C PHE A 48 1.40 -0.45 18.76
N PHE A 49 0.63 -0.93 17.79
CA PHE A 49 0.24 -0.06 16.66
C PHE A 49 -0.84 0.94 17.08
N VAL A 50 -1.69 0.58 18.05
CA VAL A 50 -2.65 1.60 18.60
C VAL A 50 -1.85 2.75 19.23
N ARG A 51 -0.85 2.42 20.04
CA ARG A 51 -0.03 3.46 20.70
C ARG A 51 0.71 4.29 19.66
N MET A 52 1.22 3.65 18.61
CA MET A 52 1.92 4.39 17.54
C MET A 52 0.92 5.31 16.85
N ALA A 53 -0.22 4.77 16.40
CA ALA A 53 -1.19 5.54 15.59
C ALA A 53 -1.77 6.70 16.41
N SER A 54 -2.03 6.49 17.70
CA SER A 54 -2.70 7.49 18.57
C SER A 54 -1.70 8.61 18.95
N GLY A 55 -0.40 8.34 18.91
CA GLY A 55 0.61 9.28 19.44
C GLY A 55 0.90 9.06 20.93
N GLU A 56 0.32 8.02 21.54
CA GLU A 56 0.69 7.62 22.92
C GLU A 56 2.16 7.21 22.93
N LEU A 57 2.61 6.53 21.90
CA LEU A 57 4.04 6.31 21.66
C LEU A 57 4.61 7.61 21.09
N ASP A 58 5.27 8.38 21.94
CA ASP A 58 5.71 9.74 21.59
C ASP A 58 7.14 9.70 21.07
N PRO A 59 7.40 10.04 19.80
CA PRO A 59 8.74 9.97 19.24
C PRO A 59 9.73 10.89 19.99
N ASP A 60 9.24 11.93 20.68
CA ASP A 60 10.10 12.81 21.53
C ASP A 60 10.67 12.03 22.71
N GLU A 61 10.04 10.94 23.12
CA GLU A 61 10.45 10.16 24.31
C GLU A 61 11.26 8.93 23.88
N LEU A 62 11.35 8.64 22.60
CA LEU A 62 11.99 7.37 22.13
C LEU A 62 13.50 7.62 22.04
N ALA A 63 14.27 6.54 22.11
CA ALA A 63 15.70 6.54 21.76
C ALA A 63 15.83 7.09 20.34
N GLU A 64 16.94 7.77 20.03
CA GLU A 64 17.17 8.50 18.75
C GLU A 64 16.93 7.58 17.56
N ASP A 65 17.42 6.34 17.59
CA ASP A 65 17.30 5.41 16.43
C ASP A 65 15.81 5.09 16.20
N GLU A 66 15.05 4.93 17.27
CA GLU A 66 13.59 4.60 17.17
C GLU A 66 12.87 5.86 16.69
N ALA A 67 13.18 7.03 17.26
CA ALA A 67 12.43 8.27 16.93
C ALA A 67 12.67 8.56 15.46
N ASN A 68 13.94 8.49 15.03
CA ASN A 68 14.30 8.78 13.63
C ASN A 68 13.62 7.74 12.73
N GLY A 69 13.61 6.46 13.11
CA GLY A 69 13.03 5.43 12.24
C GLY A 69 11.55 5.73 12.04
N LEU A 70 10.85 6.08 13.12
CA LEU A 70 9.40 6.35 13.00
C LEU A 70 9.15 7.59 12.14
N ARG A 71 9.91 8.67 12.34
CA ARG A 71 9.70 9.91 11.57
C ARG A 71 9.97 9.68 10.11
N ARG A 72 11.01 8.95 9.79
CA ARG A 72 11.34 8.70 8.35
C ARG A 72 10.29 7.77 7.73
N PHE A 73 9.81 6.77 8.46
CA PHE A 73 8.73 5.88 7.93
C PHE A 73 7.44 6.67 7.72
N ALA A 74 7.11 7.57 8.65
CA ALA A 74 5.92 8.43 8.50
C ALA A 74 6.08 9.29 7.24
N ASP A 75 7.27 9.83 7.00
CA ASP A 75 7.49 10.65 5.76
C ASP A 75 7.38 9.77 4.51
N ALA A 76 7.87 8.53 4.54
CA ALA A 76 7.73 7.55 3.43
C ALA A 76 6.24 7.31 3.17
N MET A 77 5.44 7.23 4.22
CA MET A 77 4.00 6.95 4.03
C MET A 77 3.31 8.23 3.59
N ALA A 78 3.80 9.44 3.96
CA ALA A 78 3.23 10.70 3.47
C ALA A 78 3.40 10.72 1.95
N ILE A 79 4.62 10.51 1.48
CA ILE A 79 4.86 10.59 0.01
C ILE A 79 4.08 9.49 -0.70
N ARG A 80 4.02 8.28 -0.16
CA ARG A 80 3.34 7.14 -0.82
C ARG A 80 1.83 7.42 -0.88
N THR A 81 1.26 7.90 0.19
CA THR A 81 -0.19 8.13 0.27
C THR A 81 -0.57 9.23 -0.72
N HIS A 82 0.23 10.30 -0.72
CA HIS A 82 0.07 11.44 -1.63
C HIS A 82 0.13 10.94 -3.08
N TYR A 83 1.11 10.12 -3.38
CA TYR A 83 1.37 9.60 -4.73
C TYR A 83 0.12 8.86 -5.23
N PHE A 84 -0.36 7.89 -4.47
CA PHE A 84 -1.48 7.05 -4.91
C PHE A 84 -2.79 7.84 -4.89
N ASP A 85 -2.95 8.76 -3.97
CA ASP A 85 -4.17 9.63 -3.94
C ASP A 85 -4.19 10.42 -5.25
N ASN A 86 -3.09 11.07 -5.58
CA ASN A 86 -3.00 11.93 -6.77
C ASN A 86 -3.08 11.10 -8.04
N PHE A 87 -2.61 9.86 -8.02
CA PHE A 87 -2.83 8.95 -9.17
C PHE A 87 -4.33 8.84 -9.50
N PHE A 88 -5.14 8.54 -8.50
CA PHE A 88 -6.59 8.36 -8.67
C PHE A 88 -7.25 9.68 -9.03
N LEU A 89 -6.88 10.76 -8.37
CA LEU A 89 -7.54 12.06 -8.67
C LEU A 89 -7.20 12.44 -10.12
N ASP A 90 -5.97 12.21 -10.58
CA ASP A 90 -5.57 12.53 -11.97
C ASP A 90 -6.35 11.63 -12.93
N ALA A 91 -6.53 10.35 -12.59
CA ALA A 91 -7.21 9.38 -13.49
C ALA A 91 -8.67 9.79 -13.65
N THR A 92 -9.36 10.14 -12.58
CA THR A 92 -10.79 10.52 -12.67
C THR A 92 -10.90 11.90 -13.33
N ARG A 93 -9.93 12.77 -13.13
CA ARG A 93 -9.94 14.09 -13.80
C ARG A 93 -9.81 13.85 -15.30
N ALA A 94 -9.21 12.75 -15.74
CA ALA A 94 -9.01 12.42 -17.16
C ALA A 94 -10.17 11.53 -17.69
N GLY A 95 -11.27 11.44 -16.95
CA GLY A 95 -12.51 10.77 -17.41
C GLY A 95 -12.63 9.32 -17.00
N ILE A 96 -11.66 8.71 -16.31
CA ILE A 96 -11.80 7.31 -15.86
C ILE A 96 -12.86 7.27 -14.74
N ARG A 97 -13.74 6.28 -14.82
CA ARG A 97 -14.88 6.14 -13.91
C ARG A 97 -14.92 4.74 -13.29
N GLN A 98 -13.83 4.00 -13.40
CA GLN A 98 -13.75 2.63 -12.87
C GLN A 98 -12.38 2.47 -12.24
N ALA A 99 -12.32 2.18 -10.95
CA ALA A 99 -11.04 2.09 -10.22
C ALA A 99 -10.99 0.75 -9.54
N VAL A 100 -9.81 0.16 -9.42
CA VAL A 100 -9.65 -1.10 -8.68
C VAL A 100 -8.46 -0.96 -7.75
N ILE A 101 -8.71 -1.19 -6.48
CA ILE A 101 -7.68 -1.23 -5.41
C ILE A 101 -7.35 -2.70 -5.12
N LEU A 102 -6.17 -3.16 -5.53
CA LEU A 102 -5.72 -4.56 -5.35
C LEU A 102 -5.10 -4.71 -3.95
N ALA A 103 -5.49 -5.77 -3.26
CA ALA A 103 -5.08 -6.05 -1.85
C ALA A 103 -5.39 -4.81 -1.02
N SER A 104 -6.64 -4.37 -1.04
CA SER A 104 -7.05 -3.04 -0.52
C SER A 104 -6.81 -2.89 0.98
N GLY A 105 -6.69 -3.97 1.74
CA GLY A 105 -6.35 -3.91 3.18
C GLY A 105 -7.06 -2.79 3.92
N LEU A 106 -6.30 -1.86 4.50
CA LEU A 106 -6.88 -0.75 5.29
C LEU A 106 -6.95 0.57 4.49
N ASP A 107 -6.79 0.53 3.18
CA ASP A 107 -6.87 1.73 2.31
C ASP A 107 -8.25 2.37 2.46
N SER A 108 -8.31 3.64 2.79
CA SER A 108 -9.60 4.33 3.04
C SER A 108 -10.03 5.22 1.89
N ARG A 109 -9.39 5.13 0.73
CA ARG A 109 -9.65 6.05 -0.40
C ARG A 109 -11.12 6.08 -0.83
N ALA A 110 -11.86 5.00 -0.74
CA ALA A 110 -13.30 4.96 -1.09
C ALA A 110 -14.12 5.71 -0.06
N TYR A 111 -13.51 6.19 1.02
CA TYR A 111 -14.21 6.93 2.10
C TYR A 111 -13.69 8.35 2.25
N ARG A 112 -12.57 8.69 1.64
CA ARG A 112 -11.92 9.98 1.94
C ARG A 112 -11.61 10.77 0.66
N LEU A 113 -11.42 10.16 -0.51
CA LEU A 113 -11.19 10.95 -1.73
C LEU A 113 -12.52 11.39 -2.30
N ARG A 114 -12.45 12.47 -3.08
CA ARG A 114 -13.58 12.97 -3.90
C ARG A 114 -13.58 12.08 -5.16
N TRP A 115 -14.69 11.44 -5.49
CA TRP A 115 -14.82 10.67 -6.76
C TRP A 115 -16.03 11.22 -7.51
N PRO A 116 -15.89 11.48 -8.80
CA PRO A 116 -17.02 12.03 -9.55
C PRO A 116 -18.20 11.06 -9.52
N ALA A 117 -19.42 11.62 -9.53
CA ALA A 117 -20.66 10.86 -9.67
C ALA A 117 -20.45 9.89 -10.83
N GLY A 118 -20.85 8.64 -10.62
CA GLY A 118 -20.77 7.58 -11.62
C GLY A 118 -19.49 6.76 -11.53
N THR A 119 -18.55 7.17 -10.69
CA THR A 119 -17.36 6.35 -10.45
C THR A 119 -17.80 5.08 -9.73
N ILE A 120 -17.21 3.95 -10.08
CA ILE A 120 -17.27 2.74 -9.23
C ILE A 120 -15.85 2.43 -8.82
N VAL A 121 -15.69 2.17 -7.52
CA VAL A 121 -14.39 1.72 -6.96
C VAL A 121 -14.56 0.29 -6.45
N PHE A 122 -13.78 -0.62 -7.04
CA PHE A 122 -13.74 -2.04 -6.66
C PHE A 122 -12.53 -2.24 -5.74
N GLU A 123 -12.70 -2.98 -4.67
CA GLU A 123 -11.62 -3.31 -3.72
C GLU A 123 -11.49 -4.82 -3.71
N VAL A 124 -10.30 -5.32 -3.91
CA VAL A 124 -10.04 -6.77 -3.96
C VAL A 124 -9.14 -7.16 -2.79
N ASP A 125 -9.59 -8.09 -1.96
CA ASP A 125 -8.72 -8.64 -0.89
C ASP A 125 -9.33 -9.91 -0.36
N GLN A 126 -8.59 -10.60 0.48
CA GLN A 126 -9.10 -11.80 1.15
C GLN A 126 -10.32 -11.43 1.96
N PRO A 127 -11.31 -12.33 2.05
CA PRO A 127 -12.61 -11.99 2.63
C PRO A 127 -12.58 -11.41 4.04
N GLN A 128 -11.78 -11.95 4.98
CA GLN A 128 -11.84 -11.46 6.37
C GLN A 128 -11.39 -10.00 6.40
N VAL A 129 -10.40 -9.62 5.59
CA VAL A 129 -9.83 -8.25 5.64
C VAL A 129 -10.85 -7.30 5.01
N ILE A 130 -11.44 -7.71 3.89
CA ILE A 130 -12.57 -6.99 3.22
C ILE A 130 -13.67 -6.75 4.26
N ASP A 131 -14.14 -7.82 4.88
CA ASP A 131 -15.26 -7.72 5.85
C ASP A 131 -14.85 -6.84 7.03
N PHE A 132 -13.64 -6.98 7.52
CA PHE A 132 -13.14 -6.16 8.66
C PHE A 132 -13.27 -4.67 8.37
N LYS A 133 -12.71 -4.24 7.22
CA LYS A 133 -12.71 -2.78 7.02
C LYS A 133 -14.14 -2.26 6.78
N THR A 134 -14.97 -2.98 6.04
CA THR A 134 -16.33 -2.52 5.72
C THR A 134 -17.14 -2.36 7.00
N THR A 135 -17.10 -3.39 7.85
CA THR A 135 -17.89 -3.39 9.09
C THR A 135 -17.38 -2.31 10.05
N THR A 136 -16.07 -2.11 10.10
CA THR A 136 -15.47 -1.14 11.03
C THR A 136 -15.87 0.28 10.67
N LEU A 137 -15.73 0.61 9.38
CA LEU A 137 -16.03 1.99 8.95
C LEU A 137 -17.54 2.23 9.00
N ALA A 138 -18.37 1.26 8.66
CA ALA A 138 -19.84 1.40 8.82
C ALA A 138 -20.17 1.71 10.29
N GLY A 139 -19.53 1.02 11.23
CA GLY A 139 -19.81 1.24 12.67
C GLY A 139 -19.32 2.58 13.17
N LEU A 140 -18.33 3.20 12.53
CA LEU A 140 -17.85 4.56 12.83
C LEU A 140 -18.75 5.60 12.17
N GLY A 141 -19.67 5.22 11.30
CA GLY A 141 -20.56 6.18 10.61
C GLY A 141 -19.87 6.86 9.44
N ALA A 142 -18.82 6.26 8.92
CA ALA A 142 -18.11 6.80 7.75
C ALA A 142 -18.71 6.14 6.51
N ALA A 143 -19.57 6.83 5.80
CA ALA A 143 -20.11 6.30 4.55
C ALA A 143 -19.08 6.45 3.43
N PRO A 144 -19.01 5.49 2.50
CA PRO A 144 -18.17 5.67 1.32
C PRO A 144 -18.56 6.98 0.61
N THR A 145 -17.58 7.56 -0.12
CA THR A 145 -17.73 8.77 -0.94
C THR A 145 -17.90 8.39 -2.43
N THR A 146 -18.19 7.14 -2.71
CA THR A 146 -18.33 6.60 -4.06
C THR A 146 -19.14 5.32 -3.99
N ASP A 147 -19.70 4.91 -5.09
CA ASP A 147 -20.16 3.51 -5.35
C ASP A 147 -18.93 2.62 -5.13
N ARG A 148 -18.95 1.81 -4.10
CA ARG A 148 -17.81 0.97 -3.66
C ARG A 148 -18.27 -0.47 -3.67
N ARG A 149 -17.52 -1.36 -4.27
CA ARG A 149 -17.91 -2.78 -4.43
C ARG A 149 -16.74 -3.65 -4.01
N THR A 150 -16.96 -4.52 -3.05
CA THR A 150 -15.82 -5.36 -2.63
C THR A 150 -15.87 -6.66 -3.38
N VAL A 151 -14.67 -7.17 -3.59
CA VAL A 151 -14.44 -8.49 -4.21
C VAL A 151 -13.61 -9.31 -3.21
N ALA A 152 -14.29 -10.23 -2.53
CA ALA A 152 -13.73 -10.94 -1.36
C ALA A 152 -13.03 -12.21 -1.84
N VAL A 153 -11.94 -12.05 -2.54
CA VAL A 153 -11.13 -13.13 -3.13
C VAL A 153 -9.67 -12.71 -2.96
N ASP A 154 -8.88 -13.56 -2.36
CA ASP A 154 -7.42 -13.38 -2.24
C ASP A 154 -6.83 -13.28 -3.66
N LEU A 155 -5.83 -12.43 -3.82
CA LEU A 155 -5.20 -12.19 -5.15
C LEU A 155 -4.60 -13.49 -5.69
N ARG A 156 -4.32 -14.46 -4.81
CA ARG A 156 -3.81 -15.79 -5.18
C ARG A 156 -4.89 -16.59 -5.92
N ASP A 157 -6.18 -16.30 -5.73
CA ASP A 157 -7.32 -17.09 -6.26
C ASP A 157 -7.89 -16.39 -7.50
N ASP A 158 -9.04 -16.82 -8.00
CA ASP A 158 -9.60 -16.31 -9.28
C ASP A 158 -10.36 -15.01 -9.01
N TRP A 159 -9.63 -13.94 -8.69
CA TRP A 159 -10.25 -12.62 -8.46
C TRP A 159 -10.80 -12.00 -9.73
N PRO A 160 -10.21 -12.17 -10.95
CA PRO A 160 -10.83 -11.58 -12.13
C PRO A 160 -12.29 -11.99 -12.35
N THR A 161 -12.58 -13.28 -12.17
CA THR A 161 -13.96 -13.81 -12.34
C THR A 161 -14.88 -13.14 -11.32
N ALA A 162 -14.43 -13.01 -10.07
CA ALA A 162 -15.23 -12.37 -8.99
C ALA A 162 -15.38 -10.87 -9.27
N LEU A 163 -14.33 -10.22 -9.79
CA LEU A 163 -14.43 -8.77 -10.15
C LEU A 163 -15.50 -8.56 -11.25
N GLN A 164 -15.52 -9.39 -12.29
CA GLN A 164 -16.56 -9.33 -13.36
C GLN A 164 -17.93 -9.51 -12.72
N LYS A 165 -18.07 -10.46 -11.75
CA LYS A 165 -19.37 -10.76 -11.08
C LYS A 165 -19.85 -9.52 -10.31
N ALA A 166 -18.95 -8.69 -9.79
CA ALA A 166 -19.30 -7.50 -9.01
C ALA A 166 -19.68 -6.34 -9.93
N GLY A 167 -19.56 -6.49 -11.24
CA GLY A 167 -20.06 -5.52 -12.24
C GLY A 167 -18.92 -4.77 -12.93
N PHE A 168 -17.67 -5.18 -12.71
CA PHE A 168 -16.52 -4.62 -13.46
C PHE A 168 -16.74 -4.71 -14.97
N ASP A 169 -16.45 -3.64 -15.69
CA ASP A 169 -16.70 -3.58 -17.15
C ASP A 169 -15.36 -3.48 -17.88
N ASN A 170 -14.90 -4.59 -18.45
CA ASN A 170 -13.55 -4.63 -19.07
C ASN A 170 -13.53 -3.86 -20.40
N ALA A 171 -14.61 -3.22 -20.84
CA ALA A 171 -14.59 -2.41 -22.07
C ALA A 171 -14.33 -0.92 -21.80
N GLN A 172 -14.36 -0.46 -20.55
CA GLN A 172 -14.11 0.97 -20.24
C GLN A 172 -12.76 1.10 -19.53
N ARG A 173 -12.18 2.29 -19.56
CA ARG A 173 -10.84 2.48 -18.97
C ARG A 173 -10.94 2.18 -17.46
N THR A 174 -9.86 1.64 -16.92
CA THR A 174 -9.74 1.36 -15.47
C THR A 174 -8.49 2.04 -14.92
N ALA A 175 -8.57 2.51 -13.69
CA ALA A 175 -7.40 2.98 -12.91
C ALA A 175 -7.16 1.93 -11.81
N TRP A 176 -6.03 1.24 -11.88
CA TRP A 176 -5.64 0.16 -10.94
C TRP A 176 -4.58 0.67 -10.00
N ILE A 177 -4.60 0.27 -8.74
CA ILE A 177 -3.39 0.40 -7.87
C ILE A 177 -3.06 -0.95 -7.24
N ALA A 178 -1.76 -1.18 -7.06
CA ALA A 178 -1.22 -2.28 -6.24
C ALA A 178 -0.17 -1.63 -5.35
N GLU A 179 -0.58 -1.14 -4.19
CA GLU A 179 0.25 -0.38 -3.25
C GLU A 179 0.85 -1.31 -2.20
N GLY A 180 2.15 -1.28 -1.96
CA GLY A 180 2.68 -2.05 -0.82
C GLY A 180 2.52 -3.55 -1.01
N LEU A 181 2.58 -4.02 -2.26
CA LEU A 181 2.34 -5.44 -2.60
C LEU A 181 3.49 -6.10 -3.37
N LEU A 182 3.98 -5.51 -4.47
CA LEU A 182 4.87 -6.25 -5.44
C LEU A 182 6.17 -6.75 -4.78
N GLY A 183 6.69 -6.10 -3.74
CA GLY A 183 7.96 -6.52 -3.11
C GLY A 183 7.76 -7.76 -2.26
N TYR A 184 6.52 -8.12 -1.96
CA TYR A 184 6.21 -9.30 -1.16
C TYR A 184 5.91 -10.45 -2.11
N LEU A 185 5.90 -10.23 -3.43
CA LEU A 185 5.50 -11.28 -4.40
C LEU A 185 6.75 -11.92 -4.98
N SER A 186 6.66 -13.22 -5.24
CA SER A 186 7.62 -13.97 -6.07
C SER A 186 7.67 -13.35 -7.47
N ALA A 187 8.70 -13.66 -8.26
CA ALA A 187 8.76 -13.22 -9.67
C ALA A 187 7.51 -13.72 -10.40
N GLU A 188 7.16 -14.99 -10.16
CA GLU A 188 6.02 -15.63 -10.89
C GLU A 188 4.70 -14.95 -10.49
N ALA A 189 4.51 -14.64 -9.23
CA ALA A 189 3.26 -14.03 -8.72
C ALA A 189 3.16 -12.60 -9.24
N GLN A 190 4.29 -11.89 -9.32
CA GLN A 190 4.28 -10.53 -9.92
C GLN A 190 3.84 -10.61 -11.38
N ASP A 191 4.45 -11.47 -12.18
CA ASP A 191 4.13 -11.52 -13.63
C ASP A 191 2.64 -11.91 -13.78
N ARG A 192 2.14 -12.85 -12.98
CA ARG A 192 0.72 -13.27 -13.06
C ARG A 192 -0.20 -12.08 -12.78
N LEU A 193 0.07 -11.30 -11.73
CA LEU A 193 -0.80 -10.16 -11.42
C LEU A 193 -0.76 -9.15 -12.57
N LEU A 194 0.41 -8.87 -13.15
CA LEU A 194 0.50 -7.90 -14.26
C LEU A 194 -0.21 -8.43 -15.51
N ASP A 195 -0.18 -9.74 -15.75
CA ASP A 195 -0.96 -10.39 -16.85
C ASP A 195 -2.45 -10.16 -16.62
N GLN A 196 -2.92 -10.30 -15.39
CA GLN A 196 -4.36 -10.21 -15.02
C GLN A 196 -4.82 -8.78 -15.22
N ILE A 197 -4.05 -7.81 -14.74
CA ILE A 197 -4.35 -6.38 -14.94
C ILE A 197 -4.45 -6.10 -16.45
N THR A 198 -3.44 -6.49 -17.19
CA THR A 198 -3.37 -6.19 -18.64
C THR A 198 -4.59 -6.81 -19.35
N ALA A 199 -4.96 -8.04 -19.01
CA ALA A 199 -6.03 -8.79 -19.70
C ALA A 199 -7.36 -8.05 -19.48
N GLN A 200 -7.55 -7.40 -18.35
CA GLN A 200 -8.82 -6.72 -18.02
C GLN A 200 -8.81 -5.23 -18.38
N SER A 201 -7.77 -4.74 -19.02
CA SER A 201 -7.55 -3.29 -19.29
C SER A 201 -7.79 -3.00 -20.76
N VAL A 202 -8.42 -1.89 -21.06
CA VAL A 202 -8.46 -1.34 -22.45
C VAL A 202 -7.40 -0.25 -22.55
N PRO A 203 -6.98 0.15 -23.75
CA PRO A 203 -6.11 1.31 -23.89
C PRO A 203 -6.63 2.58 -23.18
N GLY A 204 -5.71 3.31 -22.56
CA GLY A 204 -6.05 4.47 -21.75
C GLY A 204 -6.28 4.10 -20.30
N SER A 205 -6.32 2.81 -19.99
CA SER A 205 -6.29 2.35 -18.58
C SER A 205 -4.96 2.77 -17.96
N GLN A 206 -4.96 2.89 -16.62
CA GLN A 206 -3.77 3.35 -15.88
C GLN A 206 -3.54 2.43 -14.70
N PHE A 207 -2.28 2.31 -14.29
CA PHE A 207 -1.87 1.44 -13.17
C PHE A 207 -0.75 2.14 -12.41
N ALA A 208 -0.83 2.12 -11.07
CA ALA A 208 0.25 2.63 -10.24
C ALA A 208 0.70 1.53 -9.28
N THR A 209 2.01 1.47 -9.05
CA THR A 209 2.60 0.44 -8.16
C THR A 209 3.99 0.91 -7.73
N GLU A 210 4.73 0.04 -7.04
CA GLU A 210 6.12 0.36 -6.64
C GLU A 210 7.06 -0.70 -7.21
N VAL A 211 8.27 -0.25 -7.50
CA VAL A 211 9.40 -1.14 -7.83
C VAL A 211 10.47 -1.00 -6.73
N LEU A 212 10.69 -2.08 -5.98
CA LEU A 212 11.70 -2.07 -4.90
C LEU A 212 13.06 -2.42 -5.49
N ARG A 213 13.65 -1.48 -6.22
CA ARG A 213 14.77 -1.75 -7.14
C ARG A 213 15.99 -2.33 -6.42
N ASP A 214 16.12 -2.13 -5.11
CA ASP A 214 17.34 -2.54 -4.38
C ASP A 214 17.19 -3.92 -3.74
N ILE A 215 15.99 -4.52 -3.74
CA ILE A 215 15.82 -5.82 -3.05
C ILE A 215 16.26 -6.88 -4.06
N ASN A 216 17.52 -7.31 -3.90
CA ASN A 216 18.21 -8.21 -4.85
C ASN A 216 19.31 -8.95 -4.08
N ARG A 217 20.00 -9.85 -4.75
CA ARG A 217 21.10 -10.60 -4.10
C ARG A 217 22.29 -9.69 -3.80
N LEU A 218 22.57 -8.69 -4.62
CA LEU A 218 23.71 -7.78 -4.41
C LEU A 218 23.60 -7.14 -3.03
N ASN A 219 22.43 -6.65 -2.67
CA ASN A 219 22.20 -5.83 -1.44
C ASN A 219 21.61 -6.68 -0.29
N GLU A 220 21.41 -7.98 -0.52
CA GLU A 220 20.66 -8.84 0.44
C GLU A 220 21.24 -8.72 1.84
N GLU A 221 22.56 -8.87 2.02
CA GLU A 221 23.09 -8.90 3.41
C GLU A 221 22.94 -7.52 4.04
N GLU A 222 23.14 -6.46 3.28
CA GLU A 222 23.01 -5.10 3.84
CA GLU A 222 23.01 -5.08 3.81
C GLU A 222 21.56 -4.89 4.27
N LEU A 223 20.62 -5.22 3.41
CA LEU A 223 19.18 -4.97 3.73
C LEU A 223 18.76 -5.92 4.85
N ARG A 224 19.17 -7.18 4.84
CA ARG A 224 18.86 -8.07 5.99
C ARG A 224 19.40 -7.44 7.29
N GLY A 225 20.56 -6.79 7.29
CA GLY A 225 21.12 -6.11 8.49
C GLY A 225 20.15 -5.02 8.94
N ARG A 226 19.70 -4.21 8.00
CA ARG A 226 18.74 -3.13 8.35
C ARG A 226 17.48 -3.74 8.99
N MET A 227 16.99 -4.81 8.38
CA MET A 227 15.74 -5.45 8.81
C MET A 227 15.95 -6.11 10.18
N ARG A 228 17.09 -6.70 10.48
CA ARG A 228 17.36 -7.27 11.81
C ARG A 228 17.43 -6.15 12.86
N ARG A 229 18.10 -5.06 12.58
CA ARG A 229 18.16 -3.92 13.52
C ARG A 229 16.75 -3.37 13.76
N LEU A 230 15.96 -3.24 12.70
CA LEU A 230 14.56 -2.82 12.90
C LEU A 230 13.77 -3.83 13.76
N ALA A 231 13.93 -5.13 13.49
CA ALA A 231 13.20 -6.17 14.22
C ALA A 231 13.51 -6.02 15.70
N GLU A 232 14.76 -5.75 16.02
CA GLU A 232 15.15 -5.58 17.43
C GLU A 232 14.39 -4.40 18.06
N ARG A 233 14.30 -3.29 17.34
CA ARG A 233 13.62 -2.09 17.87
C ARG A 233 12.16 -2.45 18.12
N PHE A 234 11.54 -3.20 17.21
CA PHE A 234 10.12 -3.61 17.37
C PHE A 234 9.98 -4.52 18.60
N ARG A 235 10.91 -5.44 18.82
CA ARG A 235 10.83 -6.38 19.98
C ARG A 235 10.87 -5.59 21.28
N ARG A 236 11.61 -4.48 21.34
CA ARG A 236 11.66 -3.65 22.58
C ARG A 236 10.27 -3.12 22.93
N HIS A 237 9.37 -2.98 21.96
CA HIS A 237 8.02 -2.42 22.17
C HIS A 237 6.96 -3.50 22.10
N GLY A 238 7.37 -4.76 22.08
CA GLY A 238 6.45 -5.91 22.19
C GLY A 238 5.90 -6.37 20.85
N LEU A 239 6.55 -6.03 19.74
CA LEU A 239 6.15 -6.54 18.42
C LEU A 239 7.25 -7.42 17.85
N ASP A 240 6.86 -8.60 17.37
CA ASP A 240 7.69 -9.58 16.65
C ASP A 240 7.38 -9.44 15.15
N LEU A 241 8.22 -8.75 14.42
CA LEU A 241 8.01 -8.55 12.97
C LEU A 241 9.39 -8.46 12.30
N ASP A 242 9.80 -9.53 11.63
CA ASP A 242 11.07 -9.65 10.87
C ASP A 242 10.77 -9.46 9.36
N MET A 243 11.01 -8.29 8.78
CA MET A 243 10.61 -8.06 7.36
C MET A 243 11.41 -8.99 6.44
N SER A 244 12.55 -9.53 6.88
CA SER A 244 13.50 -10.27 6.02
C SER A 244 12.83 -11.53 5.45
N GLY A 245 11.90 -12.12 6.19
CA GLY A 245 11.19 -13.32 5.72
C GLY A 245 10.02 -12.99 4.83
N LEU A 246 9.71 -11.73 4.58
CA LEU A 246 8.51 -11.37 3.79
C LEU A 246 8.91 -10.93 2.37
N VAL A 247 10.14 -10.49 2.14
CA VAL A 247 10.54 -9.99 0.79
C VAL A 247 11.24 -11.10 0.00
N TYR A 248 11.23 -11.01 -1.33
CA TYR A 248 11.95 -11.96 -2.21
C TYR A 248 13.20 -11.28 -2.74
N PHE A 249 14.37 -11.85 -2.49
CA PHE A 249 15.68 -11.27 -2.89
C PHE A 249 16.08 -11.81 -4.27
N GLY A 250 15.30 -12.76 -4.82
CA GLY A 250 15.67 -13.45 -6.07
C GLY A 250 15.52 -12.62 -7.34
N ASP A 251 15.90 -13.20 -8.45
CA ASP A 251 15.78 -12.57 -9.78
C ASP A 251 14.31 -12.39 -10.15
N ARG A 252 14.03 -11.36 -10.95
CA ARG A 252 12.69 -11.12 -11.52
CA ARG A 252 12.70 -11.16 -11.56
C ARG A 252 12.85 -10.27 -12.79
N THR A 253 11.77 -10.12 -13.52
CA THR A 253 11.66 -9.11 -14.58
C THR A 253 11.24 -7.82 -13.87
N ASP A 254 11.98 -6.73 -14.07
CA ASP A 254 11.53 -5.43 -13.51
C ASP A 254 10.08 -5.22 -13.96
N ALA A 255 9.17 -4.83 -13.09
CA ALA A 255 7.76 -4.62 -13.48
C ALA A 255 7.67 -3.65 -14.68
N ARG A 256 8.56 -2.68 -14.74
CA ARG A 256 8.52 -1.69 -15.82
C ARG A 256 8.85 -2.32 -17.17
N THR A 257 9.73 -3.30 -17.19
CA THR A 257 10.01 -4.06 -18.44
C THR A 257 8.77 -4.85 -18.80
N TYR A 258 8.22 -5.57 -17.82
CA TYR A 258 7.05 -6.46 -18.01
C TYR A 258 5.87 -5.64 -18.57
N LEU A 259 5.59 -4.48 -17.98
CA LEU A 259 4.52 -3.59 -18.44
C LEU A 259 4.83 -3.10 -19.87
N ALA A 260 6.05 -2.66 -20.14
CA ALA A 260 6.42 -2.14 -21.48
C ALA A 260 6.24 -3.24 -22.53
N ASP A 261 6.54 -4.49 -22.17
CA ASP A 261 6.41 -5.64 -23.11
C ASP A 261 4.93 -5.93 -23.38
N HIS A 262 4.04 -5.59 -22.45
CA HIS A 262 2.56 -5.79 -22.56
C HIS A 262 1.89 -4.53 -23.15
N GLY A 263 2.64 -3.50 -23.59
CA GLY A 263 2.06 -2.32 -24.26
C GLY A 263 1.75 -1.14 -23.36
N TRP A 264 2.29 -1.09 -22.13
CA TRP A 264 2.14 0.08 -21.23
C TRP A 264 3.33 1.05 -21.40
N ARG A 265 3.05 2.35 -21.35
CA ARG A 265 4.05 3.42 -21.12
C ARG A 265 4.22 3.54 -19.60
N THR A 266 5.43 3.77 -19.09
CA THR A 266 5.59 3.94 -17.63
C THR A 266 6.31 5.25 -17.33
N ALA A 267 6.17 5.70 -16.09
CA ALA A 267 6.84 6.90 -15.54
C ALA A 267 7.25 6.54 -14.13
N SER A 268 8.53 6.68 -13.81
CA SER A 268 9.16 6.32 -12.51
C SER A 268 9.48 7.57 -11.72
N ALA A 269 9.06 7.59 -10.45
CA ALA A 269 9.29 8.72 -9.53
C ALA A 269 9.99 8.14 -8.31
N SER A 270 11.24 8.50 -8.12
CA SER A 270 12.00 7.93 -6.99
C SER A 270 11.58 8.55 -5.66
N THR A 271 11.67 7.75 -4.59
CA THR A 271 11.52 8.28 -3.22
C THR A 271 12.45 9.49 -3.05
N THR A 272 13.70 9.37 -3.49
CA THR A 272 14.69 10.45 -3.32
C THR A 272 14.16 11.75 -3.90
N ASP A 273 13.60 11.69 -5.11
CA ASP A 273 13.16 12.90 -5.83
C ASP A 273 11.84 13.43 -5.22
N LEU A 274 10.95 12.55 -4.78
CA LEU A 274 9.67 12.99 -4.21
C LEU A 274 9.96 13.63 -2.86
N LEU A 275 10.84 13.06 -2.05
CA LEU A 275 11.15 13.72 -0.75
C LEU A 275 11.73 15.11 -0.99
N ALA A 276 12.62 15.26 -1.98
CA ALA A 276 13.26 16.57 -2.26
C ALA A 276 12.19 17.56 -2.73
N GLU A 277 11.33 17.14 -3.64
CA GLU A 277 10.23 17.97 -4.19
C GLU A 277 9.37 18.47 -3.03
N HIS A 278 9.12 17.63 -2.04
CA HIS A 278 8.18 18.00 -0.93
C HIS A 278 8.92 18.54 0.29
N GLY A 279 10.22 18.78 0.20
CA GLY A 279 11.00 19.46 1.24
C GLY A 279 11.22 18.59 2.48
N LEU A 280 11.11 17.25 2.33
CA LEU A 280 11.23 16.29 3.47
C LEU A 280 12.65 15.73 3.56
N PRO A 281 13.09 15.29 4.74
CA PRO A 281 14.43 14.76 4.91
C PRO A 281 14.67 13.53 4.03
N PRO A 282 15.89 13.39 3.48
CA PRO A 282 16.27 12.19 2.75
C PRO A 282 16.06 10.93 3.58
N ILE A 283 15.79 9.82 2.87
CA ILE A 283 15.61 8.47 3.43
C ILE A 283 16.63 7.57 2.70
N ASP A 284 17.69 7.24 3.43
CA ASP A 284 18.80 6.49 2.80
C ASP A 284 19.56 5.76 3.91
N GLY A 285 20.51 4.94 3.46
CA GLY A 285 21.28 4.10 4.38
C GLY A 285 20.34 3.36 5.30
N ASP A 286 20.59 3.41 6.58
CA ASP A 286 19.90 2.55 7.58
C ASP A 286 18.42 2.86 7.64
N ASP A 287 18.00 4.07 7.25
CA ASP A 287 16.59 4.50 7.38
C ASP A 287 15.73 3.92 6.24
N ALA A 288 16.36 3.25 5.28
CA ALA A 288 15.70 2.65 4.09
C ALA A 288 15.84 1.13 4.17
N PRO A 289 15.05 0.43 4.98
CA PRO A 289 15.24 -1.01 5.14
C PRO A 289 14.96 -1.83 3.88
N PHE A 290 14.17 -1.25 2.96
CA PHE A 290 13.92 -1.86 1.63
C PHE A 290 14.78 -1.21 0.55
N GLY A 291 15.71 -0.32 0.87
CA GLY A 291 16.44 0.46 -0.13
C GLY A 291 15.50 1.49 -0.79
N GLU A 292 15.85 1.93 -1.99
CA GLU A 292 15.18 3.01 -2.70
C GLU A 292 13.88 2.49 -3.29
N VAL A 293 12.74 3.09 -2.93
CA VAL A 293 11.43 2.68 -3.51
C VAL A 293 11.15 3.58 -4.73
N ILE A 294 10.87 2.97 -5.87
CA ILE A 294 10.49 3.69 -7.10
C ILE A 294 8.97 3.62 -7.27
N TYR A 295 8.30 4.75 -7.29
CA TYR A 295 6.83 4.77 -7.56
C TYR A 295 6.63 4.79 -9.07
N VAL A 296 5.73 3.97 -9.57
CA VAL A 296 5.53 3.80 -11.04
C VAL A 296 4.07 4.07 -11.37
N SER A 297 3.85 4.89 -12.39
CA SER A 297 2.51 5.05 -13.02
C SER A 297 2.64 4.60 -14.47
N ALA A 298 1.61 3.93 -14.96
CA ALA A 298 1.66 3.33 -16.31
C ALA A 298 0.34 3.62 -17.00
N GLU A 299 0.39 3.74 -18.34
CA GLU A 299 -0.83 3.94 -19.18
C GLU A 299 -0.78 2.91 -20.30
N LEU A 300 -1.86 2.19 -20.54
CA LEU A 300 -1.88 1.17 -21.61
C LEU A 300 -2.06 1.86 -22.97
N LYS A 301 -1.15 1.58 -23.90
CA LYS A 301 -1.22 2.16 -25.27
C LYS A 301 -2.14 1.37 -26.19
N ALA A 302 -2.72 2.03 -27.19
CA ALA A 302 -3.66 1.43 -28.18
C ALA A 302 -2.93 0.39 -29.05
#